data_6CQC
#
_entry.id   6CQC
#
_cell.length_a   56.136
_cell.length_b   64.264
_cell.length_c   68.121
_cell.angle_alpha   90.00
_cell.angle_beta   101.63
_cell.angle_gamma   90.00
#
_symmetry.space_group_name_H-M   'P 1 21 1'
#
loop_
_entity.id
_entity.type
_entity.pdbx_description
1 polymer 'Ribonuclease P protein component'
2 non-polymer 'SULFATE ION'
3 non-polymer 1-(4-fluorophenyl)thiourea
4 water water
#
_entity_poly.entity_id   1
_entity_poly.type   'polypeptide(L)'
_entity_poly.pdbx_seq_one_letter_code
;GSTESFTRRERLRLRRDFLLIFKEGKSLQNEYFVVLFRKNGLDYSRLGIVVKRKFGKATRRNKLKRWVREIFRRNKGVIP
KGFDIVVIPRKKLSEEFERVDFWTVREKLLNLLKRIEG
;
_entity_poly.pdbx_strand_id   A,B,C,D
#
# COMPACT_ATOMS: atom_id res chain seq x y z
N ARG A 9 1.20 25.10 -28.79
CA ARG A 9 1.17 24.05 -27.78
C ARG A 9 2.49 23.96 -27.03
N GLU A 10 2.40 23.84 -25.71
CA GLU A 10 3.59 23.69 -24.88
C GLU A 10 4.34 22.44 -25.29
N ARG A 11 5.64 22.58 -25.55
CA ARG A 11 6.45 21.46 -25.98
C ARG A 11 6.78 20.52 -24.82
N LEU A 12 6.74 19.22 -25.12
CA LEU A 12 7.15 18.21 -24.14
C LEU A 12 8.67 18.04 -24.23
N ARG A 13 9.37 18.42 -23.17
CA ARG A 13 10.83 18.34 -23.14
C ARG A 13 11.23 17.09 -22.38
N LEU A 14 11.67 16.06 -23.12
CA LEU A 14 12.11 14.83 -22.48
C LEU A 14 13.34 15.06 -21.63
N ARG A 15 14.21 15.99 -22.03
CA ARG A 15 15.35 16.34 -21.20
C ARG A 15 14.95 16.81 -19.82
N ARG A 16 13.73 17.28 -19.66
CA ARG A 16 13.22 17.75 -18.38
C ARG A 16 12.22 16.81 -17.72
N ASP A 17 11.51 15.98 -18.50
CA ASP A 17 10.34 15.28 -17.99
C ASP A 17 10.41 13.75 -18.09
N PHE A 18 11.42 13.18 -18.73
CA PHE A 18 11.44 11.73 -18.86
C PHE A 18 11.49 11.06 -17.50
N LEU A 19 12.35 11.56 -16.62
CA LEU A 19 12.47 10.98 -15.28
C LEU A 19 11.13 11.04 -14.54
N LEU A 20 10.45 12.18 -14.61
CA LEU A 20 9.17 12.33 -13.93
C LEU A 20 8.14 11.35 -14.47
N ILE A 21 8.05 11.21 -15.80
CA ILE A 21 7.09 10.28 -16.38
C ILE A 21 7.43 8.85 -15.97
N PHE A 22 8.71 8.50 -15.96
CA PHE A 22 9.12 7.15 -15.60
C PHE A 22 8.76 6.85 -14.14
N LYS A 23 8.93 7.82 -13.26
CA LYS A 23 8.73 7.56 -11.84
C LYS A 23 7.27 7.64 -11.43
N GLU A 24 6.52 8.58 -12.00
CA GLU A 24 5.15 8.83 -11.55
C GLU A 24 4.08 8.35 -12.53
N GLY A 25 4.45 8.03 -13.77
CA GLY A 25 3.47 7.64 -14.76
C GLY A 25 3.13 6.17 -14.69
N LYS A 26 2.27 5.76 -15.60
CA LYS A 26 1.87 4.38 -15.79
C LYS A 26 2.53 3.84 -17.05
N SER A 27 2.36 2.56 -17.32
CA SER A 27 2.98 1.91 -18.46
C SER A 27 2.04 0.89 -19.06
N LEU A 28 2.08 0.79 -20.39
CA LEU A 28 1.44 -0.27 -21.14
C LEU A 28 2.44 -0.74 -22.20
N GLN A 29 2.29 -1.98 -22.65
CA GLN A 29 3.21 -2.47 -23.67
C GLN A 29 2.57 -3.58 -24.46
N ASN A 30 3.09 -3.77 -25.67
CA ASN A 30 2.81 -4.95 -26.48
C ASN A 30 4.15 -5.38 -27.10
N GLU A 31 4.07 -6.23 -28.12
CA GLU A 31 5.27 -6.80 -28.72
C GLU A 31 6.22 -5.73 -29.26
N TYR A 32 5.68 -4.62 -29.76
CA TYR A 32 6.49 -3.65 -30.47
C TYR A 32 6.86 -2.43 -29.63
N PHE A 33 6.02 -2.05 -28.68
CA PHE A 33 6.20 -0.78 -27.98
C PHE A 33 5.98 -0.90 -26.49
N VAL A 34 6.73 -0.09 -25.74
CA VAL A 34 6.38 0.31 -24.38
C VAL A 34 5.91 1.75 -24.45
N VAL A 35 4.81 2.05 -23.78
CA VAL A 35 4.26 3.40 -23.72
CA VAL A 35 4.28 3.41 -23.73
C VAL A 35 4.18 3.81 -22.26
N LEU A 36 4.86 4.91 -21.91
CA LEU A 36 4.79 5.49 -20.58
C LEU A 36 3.90 6.72 -20.67
N PHE A 37 3.06 6.95 -19.66
CA PHE A 37 2.15 8.08 -19.77
C PHE A 37 1.82 8.63 -18.38
N ARG A 38 1.56 9.93 -18.35
CA ARG A 38 1.30 10.68 -17.12
CA ARG A 38 1.28 10.65 -17.12
C ARG A 38 0.35 11.80 -17.45
N LYS A 39 -0.66 12.00 -16.59
CA LYS A 39 -1.55 13.13 -16.79
C LYS A 39 -0.76 14.44 -16.76
N ASN A 40 -1.04 15.34 -17.70
CA ASN A 40 -0.24 16.55 -17.84
C ASN A 40 -0.98 17.82 -17.47
N GLY A 41 -2.25 17.72 -17.08
CA GLY A 41 -3.04 18.91 -16.74
C GLY A 41 -3.42 19.80 -17.89
N LEU A 42 -3.22 19.32 -19.12
CA LEU A 42 -3.55 20.04 -20.33
C LEU A 42 -4.76 19.40 -21.00
N ASP A 43 -5.30 20.13 -21.97
CA ASP A 43 -6.43 19.62 -22.76
C ASP A 43 -5.99 18.92 -24.03
N TYR A 44 -4.71 18.59 -24.15
CA TYR A 44 -4.18 17.84 -25.26
C TYR A 44 -3.10 16.92 -24.74
N SER A 45 -2.80 15.89 -25.51
CA SER A 45 -1.72 14.97 -25.21
C SER A 45 -0.49 15.38 -26.00
N ARG A 46 0.68 15.06 -25.44
CA ARG A 46 1.96 15.38 -26.05
C ARG A 46 2.77 14.10 -26.18
N LEU A 47 3.53 14.01 -27.27
CA LEU A 47 4.32 12.83 -27.61
C LEU A 47 5.81 13.07 -27.40
N GLY A 48 6.44 12.11 -26.74
CA GLY A 48 7.88 11.99 -26.77
C GLY A 48 8.26 10.60 -27.23
N ILE A 49 9.40 10.49 -27.91
CA ILE A 49 9.87 9.22 -28.46
C ILE A 49 11.28 8.99 -27.94
N VAL A 50 11.48 7.83 -27.30
CA VAL A 50 12.78 7.47 -26.73
C VAL A 50 13.22 6.20 -27.43
N VAL A 51 14.24 6.31 -28.27
CA VAL A 51 14.77 5.18 -29.03
C VAL A 51 16.15 4.85 -28.48
N LYS A 52 16.31 3.64 -27.96
CA LYS A 52 17.62 3.22 -27.51
C LYS A 52 18.60 3.17 -28.69
N ARG A 53 19.85 3.48 -28.40
CA ARG A 53 20.87 3.54 -29.44
C ARG A 53 20.96 2.22 -30.19
N LYS A 54 20.73 1.10 -29.51
CA LYS A 54 20.87 -0.20 -30.16
C LYS A 54 19.78 -0.48 -31.18
N PHE A 55 18.72 0.34 -31.24
CA PHE A 55 17.73 0.16 -32.29
C PHE A 55 18.36 0.25 -33.66
N GLY A 56 19.38 1.08 -33.82
CA GLY A 56 20.04 1.25 -35.09
C GLY A 56 20.77 2.57 -35.12
N LYS A 57 21.42 2.83 -36.26
CA LYS A 57 22.08 4.10 -36.48
C LYS A 57 21.04 5.20 -36.66
N ALA A 58 21.52 6.44 -36.82
CA ALA A 58 20.64 7.61 -36.73
C ALA A 58 19.53 7.60 -37.78
N THR A 59 19.87 7.28 -39.03
CA THR A 59 18.85 7.32 -40.09
C THR A 59 17.73 6.34 -39.77
N ARG A 60 18.07 5.17 -39.22
CA ARG A 60 17.05 4.20 -38.84
C ARG A 60 16.21 4.68 -37.66
N ARG A 61 16.86 5.22 -36.63
CA ARG A 61 16.12 5.77 -35.50
C ARG A 61 15.22 6.91 -35.96
N ASN A 62 15.70 7.70 -36.93
CA ASN A 62 14.89 8.81 -37.43
C ASN A 62 13.67 8.31 -38.19
N LYS A 63 13.81 7.20 -38.92
CA LYS A 63 12.65 6.65 -39.61
C LYS A 63 11.61 6.15 -38.62
N LEU A 64 12.05 5.42 -37.59
CA LEU A 64 11.12 5.02 -36.54
C LEU A 64 10.41 6.22 -35.93
N LYS A 65 11.17 7.26 -35.59
CA LYS A 65 10.55 8.44 -34.99
C LYS A 65 9.56 9.07 -35.95
N ARG A 66 9.90 9.12 -37.24
CA ARG A 66 8.99 9.67 -38.25
C ARG A 66 7.69 8.87 -38.31
N TRP A 67 7.79 7.54 -38.31
CA TRP A 67 6.59 6.71 -38.34
C TRP A 67 5.73 6.98 -37.11
N VAL A 68 6.36 7.04 -35.94
CA VAL A 68 5.60 7.21 -34.70
C VAL A 68 4.94 8.58 -34.67
N ARG A 69 5.67 9.62 -35.10
CA ARG A 69 5.07 10.95 -35.14
CA ARG A 69 5.09 10.95 -35.14
C ARG A 69 3.92 11.00 -36.13
N GLU A 70 4.04 10.31 -37.26
CA GLU A 70 2.95 10.29 -38.23
C GLU A 70 1.73 9.58 -37.66
N ILE A 71 1.95 8.44 -36.98
CA ILE A 71 0.84 7.71 -36.38
C ILE A 71 0.09 8.61 -35.40
N PHE A 72 0.85 9.29 -34.53
CA PHE A 72 0.29 10.20 -33.53
C PHE A 72 -0.47 11.36 -34.18
N ARG A 73 0.20 12.08 -35.09
CA ARG A 73 -0.36 13.28 -35.70
C ARG A 73 -1.58 12.97 -36.53
N ARG A 74 -1.54 11.90 -37.32
CA ARG A 74 -2.64 11.64 -38.25
C ARG A 74 -3.84 10.98 -37.59
N ASN A 75 -3.72 10.56 -36.33
CA ASN A 75 -4.78 9.85 -35.62
C ASN A 75 -5.05 10.46 -34.26
N LYS A 76 -4.79 11.76 -34.12
CA LYS A 76 -4.95 12.42 -32.84
C LYS A 76 -6.37 12.31 -32.31
N GLY A 77 -7.34 12.10 -33.20
CA GLY A 77 -8.73 12.05 -32.76
C GLY A 77 -9.06 10.90 -31.84
N VAL A 78 -8.37 9.77 -31.98
CA VAL A 78 -8.67 8.60 -31.15
C VAL A 78 -7.74 8.48 -29.96
N ILE A 79 -6.77 9.37 -29.82
CA ILE A 79 -5.80 9.28 -28.73
C ILE A 79 -6.35 10.03 -27.52
N PRO A 80 -6.41 9.41 -26.34
CA PRO A 80 -6.94 10.12 -25.17
C PRO A 80 -6.17 11.40 -24.91
N LYS A 81 -6.91 12.45 -24.54
CA LYS A 81 -6.33 13.76 -24.31
C LYS A 81 -5.86 13.89 -22.86
N GLY A 82 -4.88 14.77 -22.67
CA GLY A 82 -4.43 15.15 -21.34
C GLY A 82 -3.30 14.33 -20.79
N PHE A 83 -2.54 13.65 -21.65
CA PHE A 83 -1.42 12.82 -21.20
C PHE A 83 -0.14 13.21 -21.91
N ASP A 84 0.97 13.19 -21.17
CA ASP A 84 2.30 13.17 -21.77
C ASP A 84 2.62 11.69 -22.02
N ILE A 85 2.97 11.35 -23.26
CA ILE A 85 3.08 9.98 -23.73
C ILE A 85 4.49 9.80 -24.27
N VAL A 86 5.21 8.83 -23.72
CA VAL A 86 6.54 8.49 -24.20
C VAL A 86 6.47 7.12 -24.86
N VAL A 87 6.85 7.06 -26.12
CA VAL A 87 6.82 5.82 -26.90
C VAL A 87 8.24 5.28 -27.04
N ILE A 88 8.44 4.03 -26.67
CA ILE A 88 9.75 3.39 -26.68
C ILE A 88 9.63 2.13 -27.54
N PRO A 89 10.30 2.05 -28.69
CA PRO A 89 10.28 0.79 -29.45
C PRO A 89 11.04 -0.31 -28.73
N ARG A 90 10.55 -1.54 -28.91
CA ARG A 90 11.14 -2.70 -28.28
C ARG A 90 12.02 -3.47 -29.23
N LYS A 91 12.76 -4.44 -28.66
CA LYS A 91 13.73 -5.19 -29.44
C LYS A 91 13.08 -5.90 -30.61
N LYS A 92 11.87 -6.45 -30.42
CA LYS A 92 11.23 -7.17 -31.50
C LYS A 92 10.94 -6.26 -32.68
N LEU A 93 10.57 -5.00 -32.43
CA LEU A 93 10.34 -4.09 -33.55
C LEU A 93 11.66 -3.76 -34.25
N SER A 94 12.74 -3.57 -33.49
CA SER A 94 14.04 -3.38 -34.11
C SER A 94 14.37 -4.55 -35.03
N GLU A 95 14.10 -5.78 -34.57
CA GLU A 95 14.46 -6.95 -35.36
C GLU A 95 13.66 -7.04 -36.65
N GLU A 96 12.41 -6.58 -36.62
CA GLU A 96 11.52 -6.71 -37.77
C GLU A 96 11.36 -5.42 -38.55
N PHE A 97 12.15 -4.38 -38.24
CA PHE A 97 11.84 -3.06 -38.77
C PHE A 97 12.07 -2.97 -40.27
N GLU A 98 13.01 -3.75 -40.81
CA GLU A 98 13.25 -3.70 -42.26
C GLU A 98 12.12 -4.37 -43.04
N ARG A 99 11.34 -5.24 -42.41
CA ARG A 99 10.30 -5.99 -43.09
C ARG A 99 8.90 -5.51 -42.80
N VAL A 100 8.65 -4.96 -41.62
CA VAL A 100 7.30 -4.67 -41.17
C VAL A 100 6.72 -3.49 -41.96
N ASP A 101 5.42 -3.53 -42.19
CA ASP A 101 4.73 -2.46 -42.87
CA ASP A 101 4.75 -2.45 -42.88
C ASP A 101 4.26 -1.40 -41.88
N PHE A 102 4.26 -0.15 -42.35
CA PHE A 102 3.82 0.95 -41.49
C PHE A 102 2.44 0.69 -40.89
N TRP A 103 1.50 0.14 -41.67
CA TRP A 103 0.14 0.00 -41.16
C TRP A 103 0.07 -0.99 -40.00
N THR A 104 0.94 -1.99 -39.98
CA THR A 104 1.01 -2.90 -38.83
C THR A 104 1.56 -2.19 -37.60
N VAL A 105 2.61 -1.38 -37.79
CA VAL A 105 3.14 -0.58 -36.68
C VAL A 105 2.08 0.38 -36.16
N ARG A 106 1.33 1.01 -37.09
CA ARG A 106 0.23 1.90 -36.72
C ARG A 106 -0.82 1.16 -35.89
N GLU A 107 -1.23 -0.03 -36.32
CA GLU A 107 -2.25 -0.76 -35.58
C GLU A 107 -1.79 -1.07 -34.17
N LYS A 108 -0.54 -1.53 -34.02
CA LYS A 108 -0.04 -1.90 -32.71
C LYS A 108 0.10 -0.68 -31.79
N LEU A 109 0.57 0.44 -32.32
CA LEU A 109 0.74 1.62 -31.47
C LEU A 109 -0.61 2.21 -31.08
N LEU A 110 -1.52 2.34 -32.04
CA LEU A 110 -2.84 2.88 -31.70
C LEU A 110 -3.59 1.96 -30.75
N ASN A 111 -3.40 0.64 -30.85
CA ASN A 111 -4.00 -0.27 -29.88
C ASN A 111 -3.62 0.12 -28.45
N LEU A 112 -2.33 0.38 -28.22
CA LEU A 112 -1.89 0.78 -26.89
C LEU A 112 -2.42 2.16 -26.52
N LEU A 113 -2.24 3.14 -27.40
CA LEU A 113 -2.61 4.52 -27.05
C LEU A 113 -4.08 4.63 -26.68
N LYS A 114 -4.96 3.85 -27.34
CA LYS A 114 -6.37 3.93 -27.03
C LYS A 114 -6.73 3.34 -25.67
N ARG A 115 -5.82 2.61 -25.05
CA ARG A 115 -6.05 2.02 -23.74
C ARG A 115 -5.48 2.85 -22.60
N ILE A 116 -4.95 4.03 -22.90
CA ILE A 116 -4.47 4.94 -21.88
C ILE A 116 -5.68 5.47 -21.10
N GLU A 117 -5.57 5.49 -19.78
CA GLU A 117 -6.65 6.01 -18.94
C GLU A 117 -6.07 6.70 -17.70
N ARG B 11 -5.95 -17.76 30.16
CA ARG B 11 -5.53 -17.59 28.77
C ARG B 11 -6.68 -17.66 27.77
N LEU B 12 -7.08 -16.50 27.28
CA LEU B 12 -8.12 -16.44 26.27
C LEU B 12 -7.58 -16.90 24.90
N ARG B 13 -8.44 -17.53 24.12
CA ARG B 13 -8.18 -17.78 22.69
C ARG B 13 -8.84 -16.63 21.92
N LEU B 14 -8.09 -15.56 21.68
CA LEU B 14 -8.67 -14.33 21.16
C LEU B 14 -9.17 -14.48 19.74
N ARG B 15 -8.55 -15.36 18.94
CA ARG B 15 -9.00 -15.50 17.55
C ARG B 15 -10.48 -15.88 17.48
N ARG B 16 -10.97 -16.63 18.46
CA ARG B 16 -12.39 -16.96 18.51
C ARG B 16 -13.17 -15.99 19.40
N ASP B 17 -12.66 -15.72 20.59
CA ASP B 17 -13.47 -15.08 21.62
C ASP B 17 -13.44 -13.57 21.58
N PHE B 18 -12.47 -12.96 20.89
CA PHE B 18 -12.46 -11.50 20.81
C PHE B 18 -13.76 -10.98 20.20
N LEU B 19 -14.18 -11.55 19.08
CA LEU B 19 -15.42 -11.11 18.43
C LEU B 19 -16.60 -11.25 19.38
N LEU B 20 -16.71 -12.39 20.06
CA LEU B 20 -17.85 -12.59 20.95
C LEU B 20 -17.81 -11.62 22.14
N ILE B 21 -16.64 -11.38 22.72
CA ILE B 21 -16.55 -10.40 23.80
C ILE B 21 -16.89 -9.02 23.29
N PHE B 22 -16.43 -8.68 22.08
CA PHE B 22 -16.70 -7.38 21.49
C PHE B 22 -18.19 -7.18 21.27
N LYS B 23 -18.89 -8.23 20.84
CA LYS B 23 -20.31 -8.10 20.52
C LYS B 23 -21.21 -8.23 21.74
N GLU B 24 -20.88 -9.12 22.67
CA GLU B 24 -21.79 -9.45 23.75
C GLU B 24 -21.37 -8.89 25.09
N GLY B 25 -20.12 -8.47 25.24
CA GLY B 25 -19.62 -8.04 26.52
C GLY B 25 -19.95 -6.59 26.78
N LYS B 26 -19.46 -6.11 27.90
CA LYS B 26 -19.51 -4.71 28.28
C LYS B 26 -18.13 -4.10 28.08
N SER B 27 -18.05 -2.79 28.26
CA SER B 27 -16.83 -2.04 28.02
C SER B 27 -16.68 -0.94 29.04
N LEU B 28 -15.43 -0.71 29.45
CA LEU B 28 -15.03 0.44 30.26
C LEU B 28 -13.79 1.03 29.62
N GLN B 29 -13.60 2.33 29.77
CA GLN B 29 -12.41 2.94 29.18
C GLN B 29 -12.01 4.19 29.93
N ASN B 30 -10.73 4.53 29.80
CA ASN B 30 -10.20 5.80 30.26
C ASN B 30 -9.24 6.28 29.17
N GLU B 31 -8.36 7.24 29.51
CA GLU B 31 -7.53 7.84 28.46
C GLU B 31 -6.56 6.84 27.84
N TYR B 32 -6.22 5.77 28.57
CA TYR B 32 -5.14 4.88 28.16
C TYR B 32 -5.61 3.51 27.70
N PHE B 33 -6.76 3.04 28.18
CA PHE B 33 -7.18 1.68 27.89
C PHE B 33 -8.66 1.60 27.61
N VAL B 34 -9.02 0.67 26.70
CA VAL B 34 -10.36 0.10 26.60
C VAL B 34 -10.29 -1.31 27.18
N VAL B 35 -11.23 -1.64 28.05
CA VAL B 35 -11.32 -2.97 28.64
C VAL B 35 -12.68 -3.53 28.28
N LEU B 36 -12.69 -4.65 27.56
CA LEU B 36 -13.91 -5.37 27.21
C LEU B 36 -14.02 -6.61 28.09
N PHE B 37 -15.23 -6.95 28.52
CA PHE B 37 -15.37 -8.09 29.43
C PHE B 37 -16.73 -8.74 29.32
N ARG B 38 -16.77 -10.05 29.51
CA ARG B 38 -18.01 -10.78 29.58
C ARG B 38 -17.86 -11.92 30.57
N LYS B 39 -18.97 -12.32 31.17
CA LYS B 39 -18.93 -13.45 32.09
C LYS B 39 -18.49 -14.70 31.36
N ASN B 40 -17.64 -15.51 32.00
CA ASN B 40 -17.12 -16.72 31.37
C ASN B 40 -17.62 -18.01 32.03
N GLY B 41 -18.42 -17.92 33.09
CA GLY B 41 -18.93 -19.10 33.75
C GLY B 41 -17.88 -19.90 34.48
N LEU B 42 -16.71 -19.31 34.71
CA LEU B 42 -15.63 -19.94 35.46
C LEU B 42 -15.47 -19.28 36.82
N ASP B 43 -14.69 -19.92 37.69
CA ASP B 43 -14.40 -19.36 39.00
C ASP B 43 -13.16 -18.49 39.01
N TYR B 44 -12.60 -18.18 37.84
CA TYR B 44 -11.45 -17.30 37.71
C TYR B 44 -11.65 -16.48 36.45
N SER B 45 -10.89 -15.39 36.34
CA SER B 45 -10.93 -14.53 35.17
C SER B 45 -9.75 -14.85 34.25
N ARG B 46 -9.94 -14.58 32.97
CA ARG B 46 -8.91 -14.80 31.96
C ARG B 46 -8.63 -13.50 31.24
N LEU B 47 -7.36 -13.29 30.87
CA LEU B 47 -6.88 -12.06 30.27
C LEU B 47 -6.45 -12.28 28.83
N GLY B 48 -6.89 -11.40 27.94
CA GLY B 48 -6.29 -11.27 26.63
C GLY B 48 -5.91 -9.82 26.40
N ILE B 49 -4.87 -9.63 25.58
CA ILE B 49 -4.36 -8.31 25.27
C ILE B 49 -4.37 -8.17 23.75
N VAL B 50 -5.00 -7.11 23.25
CA VAL B 50 -5.08 -6.85 21.81
C VAL B 50 -4.35 -5.53 21.55
N VAL B 51 -3.16 -5.61 21.00
CA VAL B 51 -2.35 -4.45 20.66
C VAL B 51 -2.35 -4.29 19.15
N LYS B 52 -2.85 -3.14 18.69
CA LYS B 52 -2.82 -2.86 17.26
C LYS B 52 -1.39 -2.77 16.76
N ARG B 53 -1.16 -3.26 15.55
CA ARG B 53 0.19 -3.29 15.00
C ARG B 53 0.83 -1.92 14.99
N LYS B 54 0.03 -0.87 14.78
CA LYS B 54 0.57 0.48 14.72
C LYS B 54 1.12 0.95 16.05
N PHE B 55 0.88 0.24 17.14
CA PHE B 55 1.51 0.56 18.43
C PHE B 55 3.02 0.48 18.33
N GLY B 56 3.55 -0.28 17.41
CA GLY B 56 4.98 -0.32 17.19
C GLY B 56 5.43 -1.72 16.82
N LYS B 57 6.76 -1.88 16.72
CA LYS B 57 7.33 -3.18 16.43
C LYS B 57 7.27 -4.04 17.69
N ALA B 58 7.67 -5.31 17.53
CA ALA B 58 7.43 -6.29 18.59
C ALA B 58 8.00 -5.84 19.94
N THR B 59 9.16 -5.18 19.94
CA THR B 59 9.78 -4.79 21.20
C THR B 59 8.88 -3.84 21.99
N ARG B 60 8.32 -2.84 21.31
CA ARG B 60 7.44 -1.89 22.00
C ARG B 60 6.12 -2.54 22.38
N ARG B 61 5.54 -3.34 21.49
CA ARG B 61 4.30 -4.04 21.80
C ARG B 61 4.51 -5.00 22.96
N ASN B 62 5.65 -5.70 22.98
CA ASN B 62 5.91 -6.68 24.02
C ASN B 62 6.12 -6.03 25.38
N LYS B 63 6.67 -4.81 25.41
CA LYS B 63 6.82 -4.11 26.68
C LYS B 63 5.46 -3.78 27.27
N LEU B 64 4.57 -3.22 26.46
CA LEU B 64 3.20 -3.00 26.92
C LEU B 64 2.56 -4.30 27.41
N LYS B 65 2.63 -5.37 26.61
CA LYS B 65 2.04 -6.62 27.01
C LYS B 65 2.62 -7.13 28.33
N ARG B 66 3.94 -6.99 28.52
CA ARG B 66 4.58 -7.42 29.76
CA ARG B 66 4.56 -7.44 29.75
C ARG B 66 3.99 -6.68 30.95
N TRP B 67 3.86 -5.36 30.83
CA TRP B 67 3.32 -4.57 31.94
C TRP B 67 1.88 -4.98 32.25
N VAL B 68 1.06 -5.18 31.22
CA VAL B 68 -0.33 -5.53 31.46
C VAL B 68 -0.43 -6.91 32.11
N ARG B 69 0.34 -7.89 31.62
CA ARG B 69 0.31 -9.22 32.21
CA ARG B 69 0.27 -9.22 32.22
C ARG B 69 0.73 -9.19 33.67
N GLU B 70 1.77 -8.41 33.99
CA GLU B 70 2.23 -8.31 35.37
C GLU B 70 1.17 -7.71 36.26
N ILE B 71 0.51 -6.65 35.78
CA ILE B 71 -0.54 -6.00 36.56
C ILE B 71 -1.66 -6.98 36.85
N PHE B 72 -2.07 -7.72 35.83
CA PHE B 72 -3.15 -8.68 36.06
C PHE B 72 -2.71 -9.79 37.00
N ARG B 73 -1.52 -10.35 36.79
CA ARG B 73 -1.06 -11.47 37.61
CA ARG B 73 -1.08 -11.47 37.61
C ARG B 73 -0.98 -11.08 39.07
N ARG B 74 -0.41 -9.92 39.36
CA ARG B 74 -0.15 -9.53 40.74
CA ARG B 74 -0.15 -9.53 40.74
C ARG B 74 -1.42 -9.06 41.46
N ASN B 75 -2.43 -8.64 40.71
CA ASN B 75 -3.67 -8.12 41.30
C ASN B 75 -4.86 -9.03 41.05
N LYS B 76 -4.62 -10.28 40.65
CA LYS B 76 -5.71 -11.21 40.40
C LYS B 76 -6.64 -11.35 41.59
N GLY B 77 -6.11 -11.24 42.80
CA GLY B 77 -6.92 -11.44 43.98
C GLY B 77 -8.00 -10.41 44.18
N VAL B 78 -7.78 -9.19 43.68
CA VAL B 78 -8.72 -8.09 43.86
C VAL B 78 -9.48 -7.77 42.58
N ILE B 79 -9.10 -8.35 41.45
CA ILE B 79 -9.88 -8.19 40.21
C ILE B 79 -11.04 -9.18 40.22
N PRO B 80 -12.24 -8.75 39.83
CA PRO B 80 -13.39 -9.65 39.90
C PRO B 80 -13.13 -10.97 39.17
N LYS B 81 -13.71 -12.03 39.72
CA LYS B 81 -13.56 -13.37 39.18
C LYS B 81 -14.71 -13.69 38.24
N GLY B 82 -14.46 -14.57 37.29
CA GLY B 82 -15.50 -15.07 36.42
C GLY B 82 -15.72 -14.28 35.15
N PHE B 83 -14.72 -13.53 34.71
CA PHE B 83 -14.82 -12.74 33.50
C PHE B 83 -13.70 -13.03 32.53
N ASP B 84 -14.03 -13.03 31.24
CA ASP B 84 -13.02 -12.98 30.19
C ASP B 84 -12.82 -11.50 29.90
N ILE B 85 -11.57 -11.05 29.93
CA ILE B 85 -11.20 -9.65 29.91
C ILE B 85 -10.23 -9.41 28.77
N VAL B 86 -10.52 -8.41 27.93
CA VAL B 86 -9.64 -8.02 26.84
C VAL B 86 -9.19 -6.60 27.10
N VAL B 87 -7.88 -6.38 27.14
CA VAL B 87 -7.28 -5.07 27.37
C VAL B 87 -6.73 -4.55 26.06
N ILE B 88 -7.12 -3.32 25.71
CA ILE B 88 -6.74 -2.72 24.43
C ILE B 88 -6.10 -1.36 24.73
N PRO B 89 -4.81 -1.18 24.50
CA PRO B 89 -4.22 0.15 24.66
C PRO B 89 -4.75 1.12 23.61
N ARG B 90 -4.95 2.38 24.03
CA ARG B 90 -5.54 3.40 23.18
C ARG B 90 -4.47 4.25 22.53
N LYS B 91 -4.88 5.02 21.52
CA LYS B 91 -3.93 5.88 20.81
C LYS B 91 -3.20 6.81 21.76
N LYS B 92 -3.90 7.37 22.75
CA LYS B 92 -3.25 8.29 23.68
C LYS B 92 -2.13 7.60 24.44
N LEU B 93 -2.29 6.32 24.78
CA LEU B 93 -1.21 5.62 25.47
C LEU B 93 -0.03 5.40 24.55
N SER B 94 -0.28 5.09 23.28
CA SER B 94 0.82 5.00 22.33
C SER B 94 1.51 6.35 22.18
N GLU B 95 0.73 7.43 22.12
CA GLU B 95 1.30 8.76 21.97
C GLU B 95 2.23 9.10 23.11
N GLU B 96 1.89 8.66 24.32
CA GLU B 96 2.59 9.10 25.52
C GLU B 96 3.41 7.99 26.17
N PHE B 97 3.46 6.80 25.59
CA PHE B 97 3.97 5.63 26.31
C PHE B 97 5.30 5.91 26.99
N GLU B 98 6.27 6.45 26.24
CA GLU B 98 7.61 6.64 26.77
C GLU B 98 7.64 7.66 27.91
N ARG B 99 6.64 8.52 28.03
CA ARG B 99 6.57 9.46 29.13
C ARG B 99 5.82 8.91 30.35
N VAL B 100 5.19 7.76 30.23
CA VAL B 100 4.31 7.24 31.28
C VAL B 100 5.06 6.19 32.08
N ASP B 101 5.03 6.31 33.39
CA ASP B 101 5.67 5.38 34.29
C ASP B 101 4.77 4.19 34.59
N PHE B 102 5.39 3.09 35.02
CA PHE B 102 4.63 1.87 35.26
C PHE B 102 3.52 2.09 36.27
N TRP B 103 3.78 2.84 37.34
CA TRP B 103 2.75 2.99 38.37
C TRP B 103 1.52 3.71 37.82
N THR B 104 1.68 4.57 36.83
CA THR B 104 0.54 5.25 36.22
C THR B 104 -0.22 4.28 35.36
N VAL B 105 0.48 3.48 34.56
CA VAL B 105 -0.18 2.44 33.76
C VAL B 105 -0.96 1.49 34.67
N ARG B 106 -0.33 1.04 35.75
CA ARG B 106 -0.98 0.14 36.70
C ARG B 106 -2.25 0.78 37.25
N GLU B 107 -2.14 2.03 37.73
CA GLU B 107 -3.30 2.71 38.30
C GLU B 107 -4.43 2.82 37.29
N LYS B 108 -4.11 3.26 36.06
CA LYS B 108 -5.16 3.47 35.08
C LYS B 108 -5.82 2.16 34.66
N LEU B 109 -5.05 1.08 34.55
CA LEU B 109 -5.63 -0.20 34.17
C LEU B 109 -6.45 -0.76 35.32
N LEU B 110 -5.91 -0.74 36.54
CA LEU B 110 -6.63 -1.30 37.68
C LEU B 110 -7.90 -0.52 37.97
N ASN B 111 -7.91 0.77 37.70
CA ASN B 111 -9.14 1.53 37.91
C ASN B 111 -10.28 0.94 37.10
N LEU B 112 -9.98 0.47 35.89
CA LEU B 112 -10.99 -0.17 35.06
C LEU B 112 -11.28 -1.59 35.51
N LEU B 113 -10.23 -2.41 35.69
CA LEU B 113 -10.45 -3.82 36.01
C LEU B 113 -11.25 -3.98 37.30
N LYS B 114 -11.02 -3.11 38.28
CA LYS B 114 -11.72 -3.24 39.55
C LYS B 114 -13.19 -2.84 39.47
N ARG B 115 -13.62 -2.23 38.36
CA ARG B 115 -15.02 -1.85 38.17
C ARG B 115 -15.79 -2.83 37.29
N ILE B 116 -15.16 -3.91 36.88
CA ILE B 116 -15.85 -4.96 36.14
C ILE B 116 -16.95 -5.54 37.00
N GLU B 117 -18.15 -5.64 36.45
CA GLU B 117 -19.30 -6.17 37.18
C GLU B 117 -20.29 -6.80 36.22
N ARG C 11 -19.11 -13.39 1.63
CA ARG C 11 -19.20 -12.93 3.02
C ARG C 11 -17.91 -13.25 3.77
N LEU C 12 -17.46 -12.27 4.56
CA LEU C 12 -16.24 -12.43 5.34
C LEU C 12 -16.50 -13.35 6.52
N ARG C 13 -15.58 -14.29 6.76
CA ARG C 13 -15.65 -15.17 7.91
C ARG C 13 -15.03 -14.46 9.10
N LEU C 14 -15.88 -13.78 9.89
CA LEU C 14 -15.38 -13.01 11.02
C LEU C 14 -14.83 -13.91 12.12
N ARG C 15 -15.38 -15.12 12.27
CA ARG C 15 -14.86 -16.03 13.27
C ARG C 15 -13.38 -16.29 13.12
N ARG C 16 -12.85 -16.12 11.91
CA ARG C 16 -11.44 -16.34 11.65
C ARG C 16 -10.63 -15.07 11.45
N ASP C 17 -11.27 -13.97 11.02
CA ASP C 17 -10.53 -12.81 10.54
C ASP C 17 -10.75 -11.53 11.34
N PHE C 18 -11.69 -11.48 12.27
CA PHE C 18 -11.98 -10.22 12.96
C PHE C 18 -10.77 -9.70 13.72
N LEU C 19 -10.13 -10.55 14.52
CA LEU C 19 -8.98 -10.10 15.29
C LEU C 19 -7.87 -9.57 14.39
N LEU C 20 -7.58 -10.27 13.29
CA LEU C 20 -6.54 -9.84 12.36
C LEU C 20 -6.84 -8.47 11.78
N ILE C 21 -8.08 -8.26 11.34
CA ILE C 21 -8.43 -6.97 10.75
C ILE C 21 -8.35 -5.86 11.79
N PHE C 22 -8.81 -6.15 13.02
CA PHE C 22 -8.76 -5.16 14.08
C PHE C 22 -7.33 -4.77 14.38
N LYS C 23 -6.40 -5.75 14.39
CA LYS C 23 -5.04 -5.47 14.80
C LYS C 23 -4.19 -4.89 13.68
N GLU C 24 -4.41 -5.33 12.44
CA GLU C 24 -3.52 -4.99 11.34
C GLU C 24 -4.15 -4.09 10.31
N GLY C 25 -5.45 -3.89 10.35
CA GLY C 25 -6.15 -3.09 9.36
C GLY C 25 -6.14 -1.62 9.71
N LYS C 26 -6.82 -0.85 8.88
CA LYS C 26 -7.03 0.57 9.04
C LYS C 26 -8.50 0.78 9.38
N SER C 27 -8.84 2.03 9.69
CA SER C 27 -10.19 2.36 10.14
C SER C 27 -10.60 3.72 9.62
N LEU C 28 -11.90 3.83 9.32
CA LEU C 28 -12.56 5.08 9.02
C LEU C 28 -13.84 5.13 9.83
N GLN C 29 -14.32 6.32 10.14
CA GLN C 29 -15.57 6.38 10.87
C GLN C 29 -16.29 7.70 10.63
N ASN C 30 -17.59 7.65 10.86
CA ASN C 30 -18.41 8.86 10.94
C ASN C 30 -19.36 8.65 12.13
N GLU C 31 -20.41 9.47 12.23
CA GLU C 31 -21.26 9.42 13.42
C GLU C 31 -21.99 8.09 13.54
N TYR C 32 -22.20 7.37 12.43
CA TYR C 32 -23.04 6.18 12.47
C TYR C 32 -22.26 4.86 12.35
N PHE C 33 -21.05 4.88 11.74
CA PHE C 33 -20.32 3.66 11.47
C PHE C 33 -18.84 3.80 11.74
N VAL C 34 -18.26 2.71 12.26
CA VAL C 34 -16.83 2.46 12.18
C VAL C 34 -16.64 1.40 11.12
N VAL C 35 -15.71 1.62 10.20
CA VAL C 35 -15.37 0.64 9.18
C VAL C 35 -13.90 0.25 9.32
N LEU C 36 -13.66 -1.03 9.53
CA LEU C 36 -12.31 -1.56 9.57
C LEU C 36 -12.00 -2.25 8.26
N PHE C 37 -10.77 -2.13 7.77
CA PHE C 37 -10.48 -2.76 6.49
C PHE C 37 -9.01 -3.13 6.39
N ARG C 38 -8.75 -4.22 5.66
CA ARG C 38 -7.39 -4.70 5.45
C ARG C 38 -7.31 -5.25 4.04
N LYS C 39 -6.21 -4.96 3.34
CA LYS C 39 -5.98 -5.58 2.05
C LYS C 39 -5.96 -7.09 2.19
N ASN C 40 -6.69 -7.78 1.32
CA ASN C 40 -6.83 -9.22 1.43
C ASN C 40 -6.08 -10.00 0.36
N GLY C 41 -5.36 -9.30 -0.52
CA GLY C 41 -4.59 -9.97 -1.55
C GLY C 41 -5.40 -10.55 -2.68
N LEU C 42 -6.72 -10.32 -2.68
CA LEU C 42 -7.61 -10.79 -3.72
C LEU C 42 -8.01 -9.62 -4.62
N ASP C 43 -8.66 -9.96 -5.75
CA ASP C 43 -9.12 -8.92 -6.67
C ASP C 43 -10.57 -8.50 -6.39
N TYR C 44 -11.14 -8.94 -5.27
CA TYR C 44 -12.49 -8.57 -4.88
C TYR C 44 -12.50 -8.35 -3.37
N SER C 45 -13.50 -7.61 -2.92
CA SER C 45 -13.66 -7.32 -1.50
C SER C 45 -14.71 -8.20 -0.86
N ARG C 46 -14.58 -8.36 0.47
CA ARG C 46 -15.46 -9.18 1.28
C ARG C 46 -15.89 -8.37 2.48
N LEU C 47 -17.13 -8.59 2.91
CA LEU C 47 -17.78 -7.80 3.94
CA LEU C 47 -17.69 -7.79 3.99
C LEU C 47 -18.21 -8.64 5.13
N GLY C 48 -17.96 -8.14 6.33
CA GLY C 48 -18.55 -8.69 7.54
C GLY C 48 -19.16 -7.55 8.33
N ILE C 49 -20.19 -7.89 9.12
CA ILE C 49 -20.90 -6.90 9.92
C ILE C 49 -20.87 -7.34 11.38
N VAL C 50 -20.49 -6.43 12.26
CA VAL C 50 -20.41 -6.69 13.69
C VAL C 50 -21.35 -5.72 14.39
N VAL C 51 -22.50 -6.20 14.85
CA VAL C 51 -23.48 -5.41 15.57
C VAL C 51 -23.41 -5.84 17.02
N LYS C 52 -23.07 -4.92 17.90
CA LYS C 52 -23.09 -5.22 19.32
C LYS C 52 -24.53 -5.53 19.76
N ARG C 53 -24.66 -6.45 20.72
CA ARG C 53 -26.00 -6.84 21.18
C ARG C 53 -26.79 -5.64 21.66
N LYS C 54 -26.12 -4.68 22.29
CA LYS C 54 -26.80 -3.53 22.88
C LYS C 54 -27.37 -2.58 21.83
N PHE C 55 -27.04 -2.80 20.55
CA PHE C 55 -27.59 -1.94 19.50
C PHE C 55 -29.10 -1.95 19.52
N GLY C 56 -29.69 -3.09 19.83
CA GLY C 56 -31.13 -3.19 19.83
C GLY C 56 -31.57 -4.64 19.82
N LYS C 57 -32.89 -4.84 19.71
CA LYS C 57 -33.44 -6.17 19.66
C LYS C 57 -33.07 -6.83 18.34
N ALA C 58 -33.27 -8.15 18.29
CA ALA C 58 -32.82 -8.93 17.13
C ALA C 58 -33.34 -8.37 15.81
N THR C 59 -34.63 -8.00 15.73
CA THR C 59 -35.15 -7.52 14.45
C THR C 59 -34.44 -6.23 14.02
N ARG C 60 -34.08 -5.37 14.98
CA ARG C 60 -33.38 -4.14 14.66
C ARG C 60 -31.98 -4.43 14.17
N ARG C 61 -31.27 -5.30 14.89
CA ARG C 61 -29.92 -5.66 14.46
C ARG C 61 -29.95 -6.29 13.08
N ASN C 62 -30.96 -7.16 12.83
CA ASN C 62 -31.07 -7.85 11.56
C ASN C 62 -31.41 -6.88 10.43
N LYS C 63 -32.25 -5.87 10.71
CA LYS C 63 -32.57 -4.89 9.67
C LYS C 63 -31.32 -4.12 9.26
N LEU C 64 -30.53 -3.69 10.24
CA LEU C 64 -29.29 -3.00 9.92
C LEU C 64 -28.38 -3.90 9.10
N LYS C 65 -28.23 -5.16 9.51
CA LYS C 65 -27.40 -6.10 8.77
C LYS C 65 -27.91 -6.27 7.35
N ARG C 66 -29.23 -6.40 7.20
CA ARG C 66 -29.84 -6.52 5.88
CA ARG C 66 -29.83 -6.53 5.87
C ARG C 66 -29.45 -5.35 4.99
N TRP C 67 -29.64 -4.14 5.50
CA TRP C 67 -29.36 -2.94 4.70
C TRP C 67 -27.89 -2.88 4.31
N VAL C 68 -26.98 -3.16 5.25
CA VAL C 68 -25.55 -3.09 4.95
C VAL C 68 -25.15 -4.11 3.89
N ARG C 69 -25.64 -5.35 4.01
CA ARG C 69 -25.36 -6.35 2.98
C ARG C 69 -25.94 -5.94 1.62
N GLU C 70 -27.15 -5.37 1.62
CA GLU C 70 -27.73 -4.90 0.37
C GLU C 70 -26.88 -3.79 -0.25
N ILE C 71 -26.43 -2.85 0.58
CA ILE C 71 -25.61 -1.74 0.07
C ILE C 71 -24.33 -2.27 -0.56
N PHE C 72 -23.67 -3.20 0.12
CA PHE C 72 -22.43 -3.76 -0.41
C PHE C 72 -22.67 -4.50 -1.73
N ARG C 73 -23.70 -5.35 -1.79
CA ARG C 73 -23.97 -6.12 -2.99
C ARG C 73 -24.33 -5.20 -4.15
N ARG C 74 -25.16 -4.21 -3.89
CA ARG C 74 -25.70 -3.41 -4.98
C ARG C 74 -24.71 -2.39 -5.49
N ASN C 75 -23.63 -2.11 -4.74
CA ASN C 75 -22.66 -1.10 -5.12
C ASN C 75 -21.26 -1.68 -5.21
N LYS C 76 -21.16 -3.00 -5.38
CA LYS C 76 -19.85 -3.66 -5.34
C LYS C 76 -18.93 -3.11 -6.41
N GLY C 77 -19.49 -2.62 -7.52
CA GLY C 77 -18.67 -2.13 -8.61
C GLY C 77 -17.92 -0.84 -8.29
N VAL C 78 -18.47 -0.02 -7.39
CA VAL C 78 -17.85 1.25 -7.06
C VAL C 78 -17.17 1.23 -5.70
N ILE C 79 -17.23 0.12 -4.98
CA ILE C 79 -16.53 -0.04 -3.71
C ILE C 79 -15.13 -0.56 -4.02
N PRO C 80 -14.08 0.02 -3.45
CA PRO C 80 -12.73 -0.46 -3.75
C PRO C 80 -12.59 -1.97 -3.62
N LYS C 81 -11.81 -2.55 -4.53
CA LYS C 81 -11.65 -3.99 -4.61
C LYS C 81 -10.39 -4.43 -3.89
N GLY C 82 -10.44 -5.63 -3.33
CA GLY C 82 -9.28 -6.21 -2.68
C GLY C 82 -9.15 -5.96 -1.21
N PHE C 83 -10.26 -5.72 -0.51
CA PHE C 83 -10.24 -5.44 0.92
C PHE C 83 -11.23 -6.33 1.67
N ASP C 84 -10.81 -6.79 2.85
CA ASP C 84 -11.73 -7.37 3.81
C ASP C 84 -12.22 -6.23 4.69
N ILE C 85 -13.54 -6.08 4.78
CA ILE C 85 -14.20 -4.90 5.34
C ILE C 85 -15.11 -5.35 6.47
N VAL C 86 -14.99 -4.70 7.61
CA VAL C 86 -15.84 -4.97 8.77
C VAL C 86 -16.58 -3.68 9.10
N VAL C 87 -17.91 -3.75 9.08
CA VAL C 87 -18.77 -2.61 9.36
C VAL C 87 -19.31 -2.77 10.79
N ILE C 88 -19.18 -1.72 11.59
CA ILE C 88 -19.59 -1.74 12.99
C ILE C 88 -20.49 -0.53 13.23
N PRO C 89 -21.79 -0.70 13.44
CA PRO C 89 -22.64 0.46 13.74
C PRO C 89 -22.32 1.01 15.12
N ARG C 90 -22.53 2.32 15.27
CA ARG C 90 -22.21 3.06 16.47
C ARG C 90 -23.43 3.36 17.32
N LYS C 91 -23.15 3.70 18.58
CA LYS C 91 -24.21 3.98 19.54
C LYS C 91 -25.15 5.06 19.04
N LYS C 92 -24.62 6.08 18.37
CA LYS C 92 -25.48 7.18 17.91
C LYS C 92 -26.52 6.66 16.92
N LEU C 93 -26.14 5.70 16.09
CA LEU C 93 -27.09 5.13 15.16
C LEU C 93 -28.18 4.34 15.88
N SER C 94 -27.80 3.60 16.92
CA SER C 94 -28.80 2.89 17.73
CA SER C 94 -28.80 2.89 17.71
C SER C 94 -29.79 3.86 18.36
N GLU C 95 -29.29 4.99 18.87
CA GLU C 95 -30.16 5.93 19.56
C GLU C 95 -31.15 6.60 18.61
N GLU C 96 -30.73 6.79 17.36
CA GLU C 96 -31.54 7.52 16.38
C GLU C 96 -32.20 6.58 15.37
N PHE C 97 -32.24 5.28 15.64
CA PHE C 97 -32.54 4.33 14.57
C PHE C 97 -33.95 4.51 14.00
N GLU C 98 -34.92 4.91 14.83
CA GLU C 98 -36.29 5.07 14.33
C GLU C 98 -36.36 6.13 13.24
N ARG C 99 -35.45 7.11 13.26
CA ARG C 99 -35.43 8.19 12.30
C ARG C 99 -34.66 7.86 11.01
N VAL C 100 -33.98 6.72 10.97
CA VAL C 100 -33.04 6.41 9.90
C VAL C 100 -33.70 5.48 8.90
N ASP C 101 -33.64 5.86 7.63
CA ASP C 101 -34.09 4.97 6.57
C ASP C 101 -32.90 4.37 5.84
N PHE C 102 -33.22 3.45 4.93
CA PHE C 102 -32.17 2.79 4.15
C PHE C 102 -31.24 3.79 3.49
N TRP C 103 -31.78 4.86 2.88
CA TRP C 103 -30.96 5.80 2.15
C TRP C 103 -29.95 6.51 3.03
N THR C 104 -30.35 6.87 4.26
CA THR C 104 -29.41 7.48 5.19
C THR C 104 -28.27 6.52 5.53
N VAL C 105 -28.60 5.25 5.76
CA VAL C 105 -27.55 4.26 6.01
C VAL C 105 -26.66 4.10 4.79
N ARG C 106 -27.26 4.07 3.60
CA ARG C 106 -26.48 3.91 2.37
C ARG C 106 -25.51 5.07 2.19
N GLU C 107 -25.98 6.30 2.38
CA GLU C 107 -25.11 7.45 2.16
C GLU C 107 -23.98 7.48 3.19
N LYS C 108 -24.30 7.22 4.47
CA LYS C 108 -23.27 7.30 5.50
C LYS C 108 -22.30 6.13 5.39
N LEU C 109 -22.76 4.97 4.95
CA LEU C 109 -21.85 3.86 4.80
C LEU C 109 -21.02 3.97 3.53
N LEU C 110 -21.65 4.25 2.39
CA LEU C 110 -20.90 4.29 1.14
C LEU C 110 -19.87 5.41 1.15
N ASN C 111 -20.14 6.50 1.87
CA ASN C 111 -19.15 7.58 1.99
C ASN C 111 -17.85 7.05 2.55
N LEU C 112 -17.94 6.12 3.49
CA LEU C 112 -16.75 5.54 4.09
C LEU C 112 -16.15 4.47 3.19
N LEU C 113 -16.99 3.59 2.66
CA LEU C 113 -16.46 2.49 1.86
C LEU C 113 -15.70 3.01 0.65
N LYS C 114 -16.17 4.07 0.03
CA LYS C 114 -15.55 4.60 -1.17
C LYS C 114 -14.25 5.32 -0.86
N ARG C 115 -13.93 5.54 0.42
CA ARG C 115 -12.67 6.16 0.83
C ARG C 115 -11.62 5.13 1.23
N ILE C 116 -11.95 3.84 1.18
CA ILE C 116 -11.00 2.80 1.54
C ILE C 116 -9.82 2.81 0.58
N GLU C 117 -8.62 2.75 1.14
CA GLU C 117 -7.40 2.64 0.33
C GLU C 117 -6.22 2.20 1.20
N ARG D 11 27.38 11.44 -7.21
CA ARG D 11 25.93 11.32 -7.38
C ARG D 11 25.51 11.88 -8.74
N LEU D 12 24.67 11.13 -9.45
CA LEU D 12 24.22 11.54 -10.76
C LEU D 12 23.15 12.63 -10.65
N ARG D 13 23.13 13.52 -11.64
CA ARG D 13 22.00 14.41 -11.82
C ARG D 13 21.00 13.75 -12.75
N LEU D 14 20.02 13.04 -12.16
CA LEU D 14 19.18 12.16 -12.96
C LEU D 14 18.24 12.91 -13.88
N ARG D 15 17.81 14.13 -13.49
CA ARG D 15 16.95 14.91 -14.37
C ARG D 15 17.56 15.07 -15.75
N ARG D 16 18.88 15.14 -15.83
CA ARG D 16 19.57 15.22 -17.11
C ARG D 16 20.07 13.88 -17.62
N ASP D 17 20.67 13.06 -16.74
CA ASP D 17 21.43 11.92 -17.21
C ASP D 17 20.65 10.61 -17.30
N PHE D 18 19.47 10.52 -16.65
CA PHE D 18 18.72 9.28 -16.71
C PHE D 18 18.36 8.92 -18.15
N LEU D 19 17.86 9.89 -18.91
CA LEU D 19 17.48 9.64 -20.30
C LEU D 19 18.68 9.18 -21.11
N LEU D 20 19.83 9.84 -20.93
CA LEU D 20 21.01 9.46 -21.70
C LEU D 20 21.45 8.04 -21.36
N ILE D 21 21.45 7.67 -20.09
CA ILE D 21 21.86 6.32 -19.71
C ILE D 21 20.84 5.31 -20.19
N PHE D 22 19.56 5.64 -20.11
CA PHE D 22 18.52 4.75 -20.64
C PHE D 22 18.74 4.47 -22.12
N LYS D 23 19.08 5.50 -22.89
CA LYS D 23 19.20 5.35 -24.34
C LYS D 23 20.54 4.76 -24.76
N GLU D 24 21.63 5.17 -24.10
CA GLU D 24 22.97 4.81 -24.55
C GLU D 24 23.64 3.74 -23.72
N GLY D 25 23.17 3.48 -22.51
CA GLY D 25 23.85 2.58 -21.61
C GLY D 25 23.47 1.13 -21.84
N LYS D 26 24.05 0.28 -21.03
CA LYS D 26 23.74 -1.14 -20.97
C LYS D 26 22.89 -1.41 -19.74
N SER D 27 22.37 -2.64 -19.66
CA SER D 27 21.45 -3.00 -18.58
C SER D 27 21.75 -4.39 -18.06
N LEU D 28 21.57 -4.57 -16.75
CA LEU D 28 21.58 -5.86 -16.09
C LEU D 28 20.40 -5.89 -15.13
N GLN D 29 19.86 -7.09 -14.89
CA GLN D 29 18.73 -7.18 -13.97
C GLN D 29 18.63 -8.56 -13.35
N ASN D 30 18.02 -8.60 -12.17
CA ASN D 30 17.60 -9.85 -11.52
C ASN D 30 16.19 -9.60 -11.02
N GLU D 31 15.74 -10.42 -10.07
CA GLU D 31 14.34 -10.35 -9.64
C GLU D 31 14.02 -9.05 -8.94
N TYR D 32 15.02 -8.40 -8.32
CA TYR D 32 14.74 -7.24 -7.49
C TYR D 32 15.22 -5.92 -8.06
N PHE D 33 16.20 -5.92 -8.97
CA PHE D 33 16.75 -4.68 -9.48
C PHE D 33 17.00 -4.73 -10.98
N VAL D 34 16.82 -3.57 -11.62
CA VAL D 34 17.40 -3.27 -12.93
C VAL D 34 18.54 -2.27 -12.69
N VAL D 35 19.69 -2.52 -13.31
CA VAL D 35 20.84 -1.62 -13.23
C VAL D 35 21.20 -1.17 -14.64
N LEU D 36 21.17 0.14 -14.86
CA LEU D 36 21.62 0.74 -16.12
C LEU D 36 22.96 1.42 -15.90
N PHE D 37 23.85 1.36 -16.89
CA PHE D 37 25.17 1.94 -16.68
C PHE D 37 25.80 2.37 -17.99
N ARG D 38 26.69 3.36 -17.89
CA ARG D 38 27.38 3.92 -19.05
C ARG D 38 28.71 4.51 -18.59
N LYS D 39 29.75 4.36 -19.42
CA LYS D 39 31.04 4.95 -19.09
C LYS D 39 30.91 6.45 -18.94
N ASN D 40 31.66 7.01 -17.98
CA ASN D 40 31.54 8.43 -17.68
C ASN D 40 32.83 9.22 -17.85
N GLY D 41 33.91 8.59 -18.30
CA GLY D 41 35.16 9.30 -18.52
C GLY D 41 35.84 9.78 -17.26
N LEU D 42 35.43 9.27 -16.10
CA LEU D 42 36.00 9.66 -14.82
C LEU D 42 36.75 8.48 -14.22
N ASP D 43 37.51 8.78 -13.16
CA ASP D 43 38.21 7.76 -12.40
C ASP D 43 37.41 7.12 -11.31
N TYR D 44 36.14 7.53 -11.16
CA TYR D 44 35.26 6.96 -10.16
C TYR D 44 33.90 6.74 -10.79
N SER D 45 33.08 5.95 -10.13
CA SER D 45 31.70 5.72 -10.57
C SER D 45 30.74 6.60 -9.78
N ARG D 46 29.59 6.88 -10.40
CA ARG D 46 28.54 7.69 -9.78
C ARG D 46 27.24 6.90 -9.78
N LEU D 47 26.43 7.13 -8.76
CA LEU D 47 25.21 6.39 -8.52
C LEU D 47 24.00 7.30 -8.59
N GLY D 48 22.97 6.82 -9.26
CA GLY D 48 21.65 7.41 -9.13
C GLY D 48 20.65 6.31 -8.86
N ILE D 49 19.61 6.65 -8.11
CA ILE D 49 18.56 5.70 -7.74
C ILE D 49 17.24 6.26 -8.24
N VAL D 50 16.52 5.44 -9.02
CA VAL D 50 15.22 5.81 -9.56
C VAL D 50 14.19 4.86 -8.96
N VAL D 51 13.39 5.35 -8.04
CA VAL D 51 12.35 4.57 -7.38
C VAL D 51 11.00 5.05 -7.90
N LYS D 52 10.27 4.17 -8.57
CA LYS D 52 8.94 4.52 -9.02
C LYS D 52 8.06 4.82 -7.81
N ARG D 53 7.15 5.79 -7.98
CA ARG D 53 6.31 6.20 -6.86
C ARG D 53 5.54 5.03 -6.27
N LYS D 54 5.12 4.08 -7.11
CA LYS D 54 4.33 2.94 -6.67
C LYS D 54 5.12 1.92 -5.89
N PHE D 55 6.44 2.08 -5.76
CA PHE D 55 7.21 1.14 -4.95
C PHE D 55 6.64 1.05 -3.54
N GLY D 56 6.21 2.16 -3.00
CA GLY D 56 5.69 2.18 -1.64
C GLY D 56 5.55 3.61 -1.16
N LYS D 57 5.16 3.74 0.11
CA LYS D 57 5.05 5.05 0.73
C LYS D 57 6.42 5.73 0.77
N ALA D 58 6.38 7.05 0.96
CA ALA D 58 7.61 7.84 0.95
C ALA D 58 8.64 7.30 1.93
N THR D 59 8.21 6.91 3.13
CA THR D 59 9.14 6.41 4.13
C THR D 59 9.81 5.12 3.68
N ARG D 60 9.09 4.29 2.93
CA ARG D 60 9.66 3.05 2.41
C ARG D 60 10.60 3.31 1.24
N ARG D 61 10.21 4.20 0.33
CA ARG D 61 11.13 4.59 -0.74
C ARG D 61 12.44 5.11 -0.16
N ASN D 62 12.35 5.96 0.87
CA ASN D 62 13.55 6.55 1.46
C ASN D 62 14.43 5.49 2.09
N LYS D 63 13.82 4.49 2.75
CA LYS D 63 14.61 3.42 3.34
C LYS D 63 15.35 2.64 2.28
N LEU D 64 14.68 2.32 1.17
CA LEU D 64 15.36 1.62 0.08
C LEU D 64 16.54 2.43 -0.45
N LYS D 65 16.33 3.73 -0.68
CA LYS D 65 17.41 4.58 -1.15
C LYS D 65 18.55 4.61 -0.15
N ARG D 66 18.23 4.71 1.13
CA ARG D 66 19.26 4.72 2.17
CA ARG D 66 19.26 4.72 2.17
C ARG D 66 20.08 3.43 2.13
N TRP D 67 19.41 2.29 1.98
CA TRP D 67 20.13 1.02 1.88
C TRP D 67 21.01 0.98 0.63
N VAL D 68 20.46 1.37 -0.51
CA VAL D 68 21.22 1.30 -1.76
C VAL D 68 22.43 2.21 -1.72
N ARG D 69 22.30 3.43 -1.17
CA ARG D 69 23.45 4.31 -1.09
CA ARG D 69 23.43 4.34 -1.04
C ARG D 69 24.53 3.73 -0.19
N GLU D 70 24.14 3.15 0.96
CA GLU D 70 25.10 2.49 1.82
C GLU D 70 25.84 1.39 1.07
N ILE D 71 25.10 0.54 0.35
CA ILE D 71 25.72 -0.56 -0.37
C ILE D 71 26.72 -0.04 -1.40
N PHE D 72 26.37 1.01 -2.11
CA PHE D 72 27.27 1.55 -3.11
C PHE D 72 28.47 2.22 -2.45
N ARG D 73 28.23 3.10 -1.48
CA ARG D 73 29.32 3.85 -0.87
C ARG D 73 30.29 2.92 -0.15
N ARG D 74 29.76 1.94 0.57
CA ARG D 74 30.59 1.07 1.39
C ARG D 74 31.41 0.11 0.54
N ASN D 75 30.97 -0.18 -0.68
CA ASN D 75 31.65 -1.17 -1.53
C ASN D 75 32.26 -0.53 -2.77
N LYS D 76 32.44 0.80 -2.77
CA LYS D 76 33.01 1.47 -3.93
C LYS D 76 34.35 0.85 -4.35
N GLY D 77 35.07 0.26 -3.41
CA GLY D 77 36.36 -0.31 -3.73
C GLY D 77 36.29 -1.52 -4.63
N VAL D 78 35.20 -2.28 -4.55
CA VAL D 78 35.03 -3.48 -5.38
C VAL D 78 34.01 -3.30 -6.50
N ILE D 79 33.29 -2.18 -6.54
CA ILE D 79 32.38 -1.89 -7.66
C ILE D 79 33.23 -1.31 -8.78
N PRO D 80 33.01 -1.71 -10.04
CA PRO D 80 33.82 -1.16 -11.14
C PRO D 80 33.79 0.36 -11.14
N LYS D 81 34.91 0.95 -11.54
CA LYS D 81 35.09 2.40 -11.56
C LYS D 81 34.94 2.95 -12.98
N GLY D 82 34.50 4.21 -13.06
CA GLY D 82 34.35 4.86 -14.34
C GLY D 82 33.01 4.71 -15.00
N PHE D 83 31.94 4.47 -14.24
CA PHE D 83 30.61 4.27 -14.79
C PHE D 83 29.62 5.14 -14.05
N ASP D 84 28.65 5.68 -14.79
CA ASP D 84 27.44 6.23 -14.22
C ASP D 84 26.41 5.12 -14.14
N ILE D 85 25.86 4.91 -12.95
CA ILE D 85 25.08 3.71 -12.65
C ILE D 85 23.73 4.16 -12.10
N VAL D 86 22.66 3.62 -12.68
CA VAL D 86 21.30 3.88 -12.22
C VAL D 86 20.69 2.60 -11.69
N VAL D 87 20.25 2.63 -10.45
CA VAL D 87 19.61 1.48 -9.81
C VAL D 87 18.10 1.71 -9.76
N ILE D 88 17.35 0.74 -10.26
CA ILE D 88 15.89 0.82 -10.32
C ILE D 88 15.29 -0.40 -9.63
N PRO D 89 14.67 -0.26 -8.47
CA PRO D 89 14.00 -1.42 -7.86
C PRO D 89 12.81 -1.88 -8.69
N ARG D 90 12.59 -3.18 -8.68
CA ARG D 90 11.56 -3.79 -9.50
C ARG D 90 10.30 -4.05 -8.69
N LYS D 91 9.19 -4.25 -9.43
CA LYS D 91 7.89 -4.48 -8.80
C LYS D 91 7.95 -5.62 -7.78
N LYS D 92 8.70 -6.68 -8.11
CA LYS D 92 8.76 -7.81 -7.20
C LYS D 92 9.39 -7.43 -5.86
N LEU D 93 10.38 -6.53 -5.88
CA LEU D 93 10.95 -6.07 -4.61
C LEU D 93 9.94 -5.25 -3.82
N SER D 94 9.16 -4.41 -4.51
CA SER D 94 8.08 -3.70 -3.82
C SER D 94 7.09 -4.68 -3.20
N GLU D 95 6.73 -5.72 -3.94
CA GLU D 95 5.75 -6.69 -3.47
C GLU D 95 6.27 -7.45 -2.25
N GLU D 96 7.58 -7.74 -2.22
CA GLU D 96 8.15 -8.60 -1.19
C GLU D 96 9.02 -7.83 -0.21
N PHE D 97 8.89 -6.50 -0.14
CA PHE D 97 9.85 -5.72 0.63
C PHE D 97 9.78 -6.03 2.12
N GLU D 98 8.58 -6.30 2.64
CA GLU D 98 8.43 -6.58 4.06
C GLU D 98 9.13 -7.86 4.47
N ARG D 99 9.37 -8.78 3.54
CA ARG D 99 10.04 -10.03 3.83
C ARG D 99 11.48 -10.05 3.31
N VAL D 100 12.04 -8.88 3.03
CA VAL D 100 13.44 -8.75 2.62
C VAL D 100 14.18 -7.90 3.64
N ASP D 101 15.38 -8.33 4.00
CA ASP D 101 16.22 -7.58 4.92
C ASP D 101 17.39 -6.95 4.16
N PHE D 102 18.18 -6.15 4.86
CA PHE D 102 19.26 -5.41 4.21
C PHE D 102 20.22 -6.35 3.49
N TRP D 103 20.61 -7.43 4.15
CA TRP D 103 21.66 -8.28 3.58
C TRP D 103 21.19 -8.97 2.31
N THR D 104 19.89 -9.25 2.19
CA THR D 104 19.36 -9.80 0.95
C THR D 104 19.36 -8.75 -0.16
N VAL D 105 18.95 -7.53 0.16
CA VAL D 105 19.03 -6.44 -0.80
C VAL D 105 20.48 -6.22 -1.23
N ARG D 106 21.42 -6.29 -0.27
CA ARG D 106 22.82 -6.09 -0.58
C ARG D 106 23.30 -7.16 -1.55
N GLU D 107 22.99 -8.42 -1.27
CA GLU D 107 23.48 -9.51 -2.10
C GLU D 107 22.98 -9.37 -3.54
N LYS D 108 21.68 -9.08 -3.70
CA LYS D 108 21.10 -9.02 -5.03
C LYS D 108 21.61 -7.82 -5.82
N LEU D 109 21.80 -6.68 -5.15
CA LEU D 109 22.33 -5.51 -5.83
C LEU D 109 23.81 -5.69 -6.20
N LEU D 110 24.63 -6.14 -5.23
CA LEU D 110 26.05 -6.31 -5.51
C LEU D 110 26.28 -7.39 -6.56
N ASN D 111 25.41 -8.41 -6.62
CA ASN D 111 25.51 -9.38 -7.70
C ASN D 111 25.54 -8.69 -9.06
N LEU D 112 24.70 -7.68 -9.25
CA LEU D 112 24.65 -6.97 -10.53
C LEU D 112 25.79 -5.98 -10.65
N LEU D 113 26.06 -5.18 -9.62
CA LEU D 113 27.05 -4.12 -9.73
C LEU D 113 28.43 -4.68 -10.05
N LYS D 114 28.75 -5.87 -9.53
CA LYS D 114 30.05 -6.47 -9.78
C LYS D 114 30.19 -7.02 -11.19
N ARG D 115 29.10 -7.13 -11.93
CA ARG D 115 29.12 -7.62 -13.31
C ARG D 115 29.13 -6.50 -14.33
N ILE D 116 29.22 -5.25 -13.89
CA ILE D 116 29.31 -4.12 -14.82
C ILE D 116 30.64 -4.20 -15.56
N GLU D 117 30.58 -4.10 -16.88
CA GLU D 117 31.77 -4.18 -17.72
C GLU D 117 31.67 -3.20 -18.90
#